data_3BN3
#
_entry.id   3BN3
#
_cell.length_a   61.793
_cell.length_b   71.507
_cell.length_c   143.871
_cell.angle_alpha   90.000
_cell.angle_beta   90.000
_cell.angle_gamma   90.000
#
_symmetry.space_group_name_H-M   'P 21 21 21'
#
loop_
_entity.id
_entity.type
_entity.pdbx_description
1 polymer 'Integrin alpha-L'
2 polymer 'Intercellular adhesion molecule 5'
3 branched 2-acetamido-2-deoxy-beta-D-glucopyranose-(1-4)-2-acetamido-2-deoxy-beta-D-glucopyranose
4 non-polymer 'MAGNESIUM ION'
5 non-polymer 2-acetamido-2-deoxy-beta-D-glucopyranose
6 non-polymer GLYCEROL
7 water water
#
loop_
_entity_poly.entity_id
_entity_poly.type
_entity_poly.pdbx_seq_one_letter_code
_entity_poly.pdbx_strand_id
1 'polypeptide(L)'
;MNVDLVFLFDGSMSLQPDEFQKILDFMKDVMKKLSNTSYQFAAVQFSTSYKTEFDFSDYVKWKDPDALLKHVKHMLLLTN
TFGAINYVATEVFREELGARPDATKVLIIITDGEATDSGNIDAAKDIIRYIIGIGKHSQTKESQETLHKFASKPASEFVK
ILDTGEKLKDLFTELQKKIY
;
A
2 'polypeptide(L)'
;EPFWADLQPRVAFVERGGSLWLNCSTNCPRPERGGLETSLRRNGTQRGLRWLARQLVDIREPETQPVCFFRCARRTLQAR
GLIRTFQRPDRVELMPLPPWQPVGENFTLSCRVPGAGPRASLTLTLLRGAQELIRRSFAGEPPRARGAVLTATVLARRED
HGANFSCRAELDLRPHGLGLFENSSAPRELRTFSLS
;
B
#
loop_
_chem_comp.id
_chem_comp.type
_chem_comp.name
_chem_comp.formula
GOL non-polymer GLYCEROL 'C3 H8 O3'
MG non-polymer 'MAGNESIUM ION' 'Mg 2'
NAG D-saccharide, beta linking 2-acetamido-2-deoxy-beta-D-glucopyranose 'C8 H15 N O6'
#
# COMPACT_ATOMS: atom_id res chain seq x y z
N MET A 1 19.45 19.00 28.67
CA MET A 1 18.85 17.72 29.12
C MET A 1 19.00 16.68 28.03
N ASN A 2 19.63 15.55 28.35
CA ASN A 2 19.70 14.44 27.42
C ASN A 2 18.34 13.76 27.25
N VAL A 3 18.03 13.40 26.01
CA VAL A 3 16.76 12.75 25.70
C VAL A 3 16.99 11.57 24.79
N ASP A 4 16.64 10.38 25.27
CA ASP A 4 16.60 9.20 24.43
C ASP A 4 15.20 9.08 23.83
N LEU A 5 15.12 9.08 22.50
CA LEU A 5 13.83 9.05 21.82
C LEU A 5 13.72 7.83 20.91
N VAL A 6 12.63 7.09 21.06
CA VAL A 6 12.37 5.90 20.24
C VAL A 6 11.15 6.15 19.35
N PHE A 7 11.31 5.91 18.05
CA PHE A 7 10.18 5.87 17.11
C PHE A 7 9.65 4.44 17.10
N LEU A 8 8.37 4.27 17.43
CA LEU A 8 7.76 2.97 17.37
C LEU A 8 6.77 3.04 16.21
N PHE A 9 7.12 2.42 15.07
CA PHE A 9 6.32 2.62 13.86
C PHE A 9 5.61 1.37 13.34
N ASP A 10 4.36 1.58 12.92
CA ASP A 10 3.42 0.55 12.52
C ASP A 10 3.75 0.06 11.12
N GLY A 11 4.10 -1.22 11.02
CA GLY A 11 4.44 -1.86 9.75
C GLY A 11 3.39 -2.87 9.38
N SER A 12 2.17 -2.67 9.84
CA SER A 12 1.12 -3.66 9.68
C SER A 12 0.50 -3.54 8.29
N MET A 13 -0.23 -4.57 7.88
CA MET A 13 -0.85 -4.68 6.57
C MET A 13 -1.95 -3.62 6.36
N SER A 14 -2.48 -3.07 7.45
CA SER A 14 -3.53 -2.03 7.36
C SER A 14 -3.02 -0.68 6.84
N LEU A 15 -1.71 -0.49 6.84
CA LEU A 15 -1.12 0.72 6.26
C LEU A 15 -0.71 0.46 4.81
N GLN A 16 -1.09 1.36 3.91
CA GLN A 16 -0.69 1.26 2.52
C GLN A 16 0.82 1.48 2.40
N PRO A 17 1.44 0.90 1.35
CA PRO A 17 2.85 1.14 1.03
C PRO A 17 3.24 2.62 0.93
N ASP A 18 2.38 3.46 0.36
CA ASP A 18 2.66 4.89 0.30
C ASP A 18 2.61 5.53 1.70
N GLU A 19 1.74 5.03 2.57
CA GLU A 19 1.63 5.53 3.95
C GLU A 19 2.84 5.13 4.78
N PHE A 20 3.30 3.90 4.63
CA PHE A 20 4.50 3.43 5.31
C PHE A 20 5.71 4.28 4.91
N GLN A 21 5.83 4.58 3.62
CA GLN A 21 6.89 5.48 3.13
C GLN A 21 6.79 6.86 3.79
N LYS A 22 5.58 7.38 3.92
CA LYS A 22 5.35 8.64 4.65
C LYS A 22 5.73 8.53 6.12
N ILE A 23 5.55 7.37 6.72
CA ILE A 23 5.96 7.18 8.12
C ILE A 23 7.49 7.26 8.19
N LEU A 24 8.16 6.60 7.24
CA LEU A 24 9.62 6.63 7.15
C LEU A 24 10.16 8.05 6.94
N ASP A 25 9.53 8.80 6.03
CA ASP A 25 9.90 10.19 5.77
C ASP A 25 9.67 11.10 6.99
N PHE A 26 8.58 10.86 7.72
CA PHE A 26 8.30 11.60 8.96
C PHE A 26 9.41 11.41 9.99
N MET A 27 9.85 10.18 10.18
CA MET A 27 10.94 9.87 11.11
C MET A 27 12.25 10.58 10.70
N LYS A 28 12.57 10.51 9.41
CA LYS A 28 13.74 11.21 8.85
C LYS A 28 13.70 12.72 9.08
N ASP A 29 12.54 13.33 8.82
CA ASP A 29 12.34 14.77 9.04
C ASP A 29 12.47 15.19 10.49
N VAL A 30 11.86 14.44 11.39
CA VAL A 30 11.98 14.71 12.83
C VAL A 30 13.43 14.63 13.29
N MET A 31 14.14 13.60 12.83
CA MET A 31 15.56 13.44 13.17
C MET A 31 16.42 14.60 12.66
N LYS A 32 16.18 15.05 11.44
CA LYS A 32 16.94 16.16 10.86
C LYS A 32 16.71 17.46 11.64
N LYS A 33 15.48 17.68 12.08
CA LYS A 33 15.13 18.86 12.87
C LYS A 33 15.69 18.84 14.29
N LEU A 34 16.01 17.65 14.82
CA LEU A 34 16.55 17.53 16.16
C LEU A 34 17.98 17.00 16.13
N SER A 35 18.70 17.29 15.05
CA SER A 35 20.07 16.76 14.88
C SER A 35 21.11 17.54 15.70
N ASN A 36 20.87 17.62 17.00
CA ASN A 36 21.80 18.22 17.96
C ASN A 36 22.50 17.12 18.78
N THR A 37 23.27 17.51 19.77
CA THR A 37 24.00 16.54 20.60
C THR A 37 23.09 15.84 21.61
N SER A 38 22.06 16.55 22.08
CA SER A 38 21.31 16.15 23.26
C SER A 38 20.36 15.00 23.01
N TYR A 39 19.78 14.97 21.81
CA TYR A 39 18.87 13.91 21.39
C TYR A 39 19.60 12.76 20.70
N GLN A 40 19.30 11.53 21.10
CA GLN A 40 19.76 10.35 20.37
C GLN A 40 18.54 9.47 20.13
N PHE A 41 18.56 8.75 19.02
CA PHE A 41 17.33 8.08 18.55
C PHE A 41 17.51 6.58 18.36
N ALA A 42 16.36 5.88 18.37
CA ALA A 42 16.28 4.51 18.02
C ALA A 42 14.94 4.39 17.30
N ALA A 43 14.82 3.37 16.48
CA ALA A 43 13.54 3.14 15.76
C ALA A 43 13.25 1.68 15.81
N VAL A 44 11.98 1.35 16.02
CA VAL A 44 11.52 -0.01 16.15
C VAL A 44 10.29 -0.14 15.25
N GLN A 45 10.30 -1.12 14.36
CA GLN A 45 9.09 -1.42 13.58
C GLN A 45 8.27 -2.45 14.35
N PHE A 46 6.93 -2.39 14.26
CA PHE A 46 6.11 -3.44 14.84
C PHE A 46 4.97 -3.82 13.88
N SER A 47 4.63 -5.08 13.88
CA SER A 47 3.42 -5.54 13.18
C SER A 47 2.98 -6.72 14.06
N THR A 48 3.22 -7.96 13.62
CA THR A 48 3.04 -9.12 14.51
C THR A 48 4.19 -9.18 15.54
N SER A 49 5.40 -8.96 15.06
CA SER A 49 6.59 -8.99 15.89
C SER A 49 7.24 -7.62 15.83
N TYR A 50 8.36 -7.48 16.53
CA TYR A 50 8.97 -6.18 16.76
C TYR A 50 10.40 -6.29 16.26
N LYS A 51 10.89 -5.21 15.66
CA LYS A 51 12.27 -5.20 15.15
C LYS A 51 12.90 -3.85 15.42
N THR A 52 13.94 -3.82 16.24
CA THR A 52 14.74 -2.63 16.40
C THR A 52 15.53 -2.43 15.11
N GLU A 53 15.10 -1.46 14.32
CA GLU A 53 15.68 -1.23 13.00
C GLU A 53 17.01 -0.49 13.15
N PHE A 54 17.09 0.40 14.13
CA PHE A 54 18.37 0.90 14.57
C PHE A 54 18.29 1.33 16.02
N ASP A 55 19.43 1.33 16.71
CA ASP A 55 19.47 1.72 18.12
C ASP A 55 20.30 2.97 18.33
N PHE A 56 20.43 3.39 19.59
CA PHE A 56 21.02 4.68 19.91
C PHE A 56 22.46 4.72 19.45
N SER A 57 23.15 3.58 19.55
CA SER A 57 24.53 3.47 19.09
C SER A 57 24.61 3.56 17.58
N ASP A 58 23.70 2.92 16.88
CA ASP A 58 23.61 3.09 15.44
C ASP A 58 23.46 4.58 15.09
N TYR A 59 22.50 5.25 15.73
CA TYR A 59 22.26 6.67 15.48
C TYR A 59 23.56 7.46 15.59
N VAL A 60 24.23 7.30 16.73
CA VAL A 60 25.47 8.02 17.00
C VAL A 60 26.57 7.75 15.96
N LYS A 61 26.63 6.51 15.46
CA LYS A 61 27.66 6.16 14.49
C LYS A 61 27.36 6.73 13.11
N TRP A 62 26.12 6.55 12.66
CA TRP A 62 25.75 6.87 11.29
C TRP A 62 25.16 8.27 11.13
N LYS A 63 24.30 8.68 12.06
CA LYS A 63 23.60 9.99 12.03
C LYS A 63 22.59 10.17 10.87
N ASP A 64 23.01 9.85 9.64
CA ASP A 64 22.20 9.97 8.43
C ASP A 64 20.95 9.08 8.49
N PRO A 65 19.75 9.68 8.64
CA PRO A 65 18.54 8.86 8.73
C PRO A 65 18.27 8.01 7.49
N ASP A 66 18.75 8.43 6.32
CA ASP A 66 18.63 7.60 5.11
C ASP A 66 19.44 6.32 5.25
N ALA A 67 20.64 6.44 5.80
CA ALA A 67 21.50 5.31 6.13
C ALA A 67 20.82 4.37 7.13
N LEU A 68 20.36 4.95 8.24
CA LEU A 68 19.82 4.18 9.36
C LEU A 68 18.57 3.40 9.05
N LEU A 69 17.78 3.90 8.10
CA LEU A 69 16.51 3.26 7.73
C LEU A 69 16.55 2.52 6.39
N LYS A 70 17.73 2.36 5.79
CA LYS A 70 17.82 1.73 4.47
C LYS A 70 17.42 0.24 4.44
N HIS A 71 17.59 -0.46 5.56
CA HIS A 71 17.34 -1.91 5.59
C HIS A 71 15.91 -2.25 5.96
N VAL A 72 15.09 -1.26 6.27
CA VAL A 72 13.71 -1.50 6.69
C VAL A 72 12.90 -2.12 5.56
N LYS A 73 12.20 -3.21 5.87
CA LYS A 73 11.22 -3.80 4.97
C LYS A 73 9.87 -3.81 5.67
N HIS A 74 8.82 -3.46 4.94
CA HIS A 74 7.48 -3.36 5.48
C HIS A 74 7.04 -4.77 5.88
N MET A 75 6.69 -4.96 7.16
CA MET A 75 6.41 -6.31 7.70
C MET A 75 5.16 -6.90 7.12
N LEU A 76 4.12 -6.07 7.06
CA LEU A 76 2.83 -6.42 6.38
C LEU A 76 2.07 -7.55 7.08
N LEU A 77 2.08 -7.49 8.40
CA LEU A 77 1.36 -8.47 9.20
C LEU A 77 0.37 -7.75 10.14
N LEU A 78 0.16 -8.26 11.35
CA LEU A 78 -0.88 -7.76 12.25
C LEU A 78 -0.38 -6.55 13.01
N THR A 79 -1.10 -6.10 14.02
CA THR A 79 -0.78 -4.86 14.74
C THR A 79 -0.77 -5.04 16.27
N ASN A 80 0.26 -5.70 16.78
CA ASN A 80 0.36 -5.98 18.21
C ASN A 80 0.96 -4.81 18.96
N THR A 81 0.21 -3.74 19.06
CA THR A 81 0.72 -2.47 19.59
C THR A 81 0.99 -2.47 21.08
N PHE A 82 0.16 -3.15 21.87
CA PHE A 82 0.40 -3.19 23.33
C PHE A 82 1.69 -3.93 23.59
N GLY A 83 1.85 -5.06 22.90
CA GLY A 83 3.07 -5.84 22.97
C GLY A 83 4.28 -5.02 22.57
N ALA A 84 4.16 -4.28 21.47
CA ALA A 84 5.26 -3.43 20.98
C ALA A 84 5.69 -2.41 21.99
N ILE A 85 4.70 -1.75 22.59
CA ILE A 85 4.95 -0.71 23.56
C ILE A 85 5.67 -1.30 24.76
N ASN A 86 5.23 -2.48 25.18
CA ASN A 86 5.88 -3.18 26.28
C ASN A 86 7.29 -3.65 25.93
N TYR A 87 7.49 -4.06 24.68
CA TYR A 87 8.83 -4.41 24.19
C TYR A 87 9.78 -3.22 24.25
N VAL A 88 9.32 -2.05 23.83
CA VAL A 88 10.17 -0.86 23.84
C VAL A 88 10.55 -0.51 25.28
N ALA A 89 9.55 -0.46 26.15
CA ALA A 89 9.78 -0.14 27.57
C ALA A 89 10.83 -1.03 28.21
N THR A 90 10.74 -2.33 27.99
CA THR A 90 11.62 -3.26 28.70
C THR A 90 12.89 -3.61 27.92
N GLU A 91 12.84 -3.59 26.58
CA GLU A 91 13.95 -4.13 25.78
C GLU A 91 14.75 -3.12 24.95
N VAL A 92 14.23 -1.92 24.74
CA VAL A 92 14.88 -0.96 23.84
C VAL A 92 15.57 0.15 24.62
N PHE A 93 14.93 0.64 25.69
CA PHE A 93 15.62 1.59 26.59
C PHE A 93 16.58 0.83 27.50
N ARG A 94 17.72 0.44 26.95
CA ARG A 94 18.76 -0.29 27.70
C ARG A 94 20.14 0.21 27.30
N GLU A 95 21.07 0.18 28.26
CA GLU A 95 22.44 0.62 28.04
C GLU A 95 23.12 -0.23 26.96
N GLU A 96 22.68 -1.47 26.84
CA GLU A 96 23.23 -2.41 25.87
C GLU A 96 23.01 -1.88 24.44
N LEU A 97 21.86 -1.22 24.21
CA LEU A 97 21.58 -0.55 22.94
C LEU A 97 22.06 0.91 22.86
N GLY A 98 22.80 1.36 23.86
CA GLY A 98 23.36 2.72 23.88
C GLY A 98 22.52 3.77 24.57
N ALA A 99 21.42 3.35 25.21
CA ALA A 99 20.59 4.26 26.00
C ALA A 99 21.39 4.84 27.15
N ARG A 100 21.14 6.12 27.43
CA ARG A 100 21.80 6.84 28.50
C ARG A 100 20.89 6.84 29.72
N PRO A 101 21.39 6.42 30.90
CA PRO A 101 20.51 6.31 32.07
C PRO A 101 20.05 7.68 32.60
N ASP A 102 20.85 8.71 32.32
CA ASP A 102 20.56 10.09 32.69
C ASP A 102 19.50 10.77 31.81
N ALA A 103 19.10 10.12 30.71
CA ALA A 103 18.31 10.75 29.66
C ALA A 103 16.79 10.62 29.88
N THR A 104 16.07 11.65 29.47
CA THR A 104 14.61 11.63 29.49
C THR A 104 14.11 10.75 28.35
N LYS A 105 13.28 9.77 28.69
CA LYS A 105 12.79 8.80 27.72
C LYS A 105 11.54 9.32 27.01
N VAL A 106 11.55 9.25 25.68
CA VAL A 106 10.39 9.63 24.88
C VAL A 106 10.13 8.57 23.83
N LEU A 107 8.85 8.31 23.60
CA LEU A 107 8.38 7.35 22.63
C LEU A 107 7.46 8.11 21.68
N ILE A 108 7.75 8.00 20.39
CA ILE A 108 6.88 8.54 19.36
C ILE A 108 6.28 7.34 18.66
N ILE A 109 5.00 7.10 18.91
CA ILE A 109 4.29 5.93 18.37
C ILE A 109 3.50 6.36 17.14
N ILE A 110 3.78 5.74 15.99
CA ILE A 110 3.15 6.13 14.73
C ILE A 110 2.29 4.97 14.22
N THR A 111 0.98 5.14 14.24
CA THR A 111 0.07 4.04 13.98
C THR A 111 -1.32 4.52 13.59
N ASP A 112 -2.10 3.67 12.94
CA ASP A 112 -3.51 4.00 12.65
C ASP A 112 -4.43 3.69 13.83
N GLY A 113 -3.87 3.17 14.91
CA GLY A 113 -4.61 2.99 16.16
C GLY A 113 -5.48 1.76 16.19
N GLU A 114 -5.44 0.94 15.13
CA GLU A 114 -6.23 -0.28 15.04
C GLU A 114 -5.42 -1.49 15.54
N ALA A 115 -5.23 -1.54 16.86
CA ALA A 115 -4.44 -2.59 17.50
C ALA A 115 -5.15 -3.93 17.42
N THR A 116 -4.42 -5.00 17.14
CA THR A 116 -5.04 -6.33 17.11
C THR A 116 -4.79 -7.12 18.40
N ASP A 117 -4.06 -6.51 19.35
CA ASP A 117 -3.89 -7.14 20.67
C ASP A 117 -4.52 -6.26 21.75
N SER A 118 -4.31 -6.63 23.01
CA SER A 118 -4.87 -5.89 24.13
C SER A 118 -3.96 -6.02 25.33
N GLY A 119 -4.32 -5.32 26.40
CA GLY A 119 -3.59 -5.42 27.65
C GLY A 119 -3.39 -4.04 28.22
N ASN A 120 -2.22 -3.84 28.81
CA ASN A 120 -1.88 -2.58 29.42
C ASN A 120 -0.46 -2.22 29.04
N ILE A 121 -0.14 -0.93 29.18
CA ILE A 121 1.18 -0.43 28.90
C ILE A 121 1.77 0.16 30.17
N ASP A 122 1.44 -0.43 31.32
CA ASP A 122 1.91 0.07 32.63
C ASP A 122 3.43 0.16 32.69
N ALA A 123 4.12 -0.81 32.07
CA ALA A 123 5.58 -0.81 32.00
C ALA A 123 6.13 0.45 31.33
N ALA A 124 5.32 1.11 30.52
CA ALA A 124 5.73 2.33 29.84
C ALA A 124 5.27 3.60 30.55
N LYS A 125 4.70 3.46 31.75
CA LYS A 125 4.12 4.61 32.47
C LYS A 125 5.05 5.82 32.56
N ASP A 126 6.33 5.60 32.83
CA ASP A 126 7.30 6.67 33.06
C ASP A 126 8.07 7.10 31.78
N ILE A 127 7.56 6.70 30.61
CA ILE A 127 8.04 7.17 29.32
C ILE A 127 7.03 8.18 28.76
N ILE A 128 7.51 9.35 28.33
CA ILE A 128 6.65 10.33 27.64
C ILE A 128 6.25 9.76 26.29
N ARG A 129 4.94 9.62 26.05
CA ARG A 129 4.42 9.01 24.82
C ARG A 129 3.65 10.01 23.97
N TYR A 130 4.23 10.34 22.81
CA TYR A 130 3.54 11.11 21.77
C TYR A 130 2.96 10.15 20.74
N ILE A 131 1.70 10.34 20.37
CA ILE A 131 1.05 9.47 19.38
C ILE A 131 0.82 10.19 18.06
N ILE A 132 1.25 9.57 16.97
CA ILE A 132 1.06 10.12 15.63
C ILE A 132 0.10 9.22 14.85
N GLY A 133 -1.11 9.69 14.63
CA GLY A 133 -2.12 8.93 13.91
C GLY A 133 -2.01 9.11 12.40
N ILE A 134 -2.24 8.04 11.66
CA ILE A 134 -2.14 8.05 10.19
C ILE A 134 -3.03 6.93 9.67
N GLY A 135 -3.56 7.08 8.46
CA GLY A 135 -4.31 6.00 7.81
C GLY A 135 -5.82 6.12 7.96
N LYS A 136 -6.54 5.61 6.97
CA LYS A 136 -8.01 5.64 6.99
C LYS A 136 -8.59 5.01 8.26
N HIS A 137 -7.90 4.03 8.83
CA HIS A 137 -8.44 3.30 9.99
C HIS A 137 -8.28 4.04 11.33
N SER A 138 -7.61 5.19 11.31
CA SER A 138 -7.49 6.02 12.51
C SER A 138 -8.77 6.82 12.81
N GLN A 139 -9.70 6.81 11.84
CA GLN A 139 -10.88 7.67 11.90
C GLN A 139 -12.04 7.09 12.68
N THR A 140 -11.95 5.83 13.09
CA THR A 140 -13.04 5.22 13.85
C THR A 140 -12.97 5.66 15.31
N LYS A 141 -14.10 5.55 16.02
CA LYS A 141 -14.15 5.88 17.43
C LYS A 141 -13.18 5.01 18.24
N GLU A 142 -13.16 3.71 17.93
CA GLU A 142 -12.35 2.77 18.68
C GLU A 142 -10.86 3.06 18.51
N SER A 143 -10.46 3.41 17.28
CA SER A 143 -9.07 3.78 16.99
C SER A 143 -8.69 5.08 17.71
N GLN A 144 -9.58 6.06 17.68
CA GLN A 144 -9.32 7.32 18.36
C GLN A 144 -9.15 7.10 19.87
N GLU A 145 -10.03 6.28 20.45
CA GLU A 145 -9.91 5.89 21.86
C GLU A 145 -8.64 5.12 22.14
N THR A 146 -8.23 4.24 21.23
CA THR A 146 -6.98 3.51 21.40
C THR A 146 -5.78 4.46 21.40
N LEU A 147 -5.73 5.36 20.44
CA LEU A 147 -4.62 6.33 20.36
C LEU A 147 -4.50 7.13 21.67
N HIS A 148 -5.63 7.58 22.18
CA HIS A 148 -5.65 8.32 23.44
C HIS A 148 -5.25 7.46 24.66
N LYS A 149 -5.59 6.18 24.63
CA LYS A 149 -5.14 5.25 25.68
C LYS A 149 -3.61 5.21 25.73
N PHE A 150 -2.96 5.19 24.56
CA PHE A 150 -1.49 5.11 24.50
C PHE A 150 -0.77 6.39 24.88
N ALA A 151 -1.42 7.53 24.66
CA ALA A 151 -0.77 8.82 24.83
C ALA A 151 -0.51 9.15 26.30
N SER A 152 0.50 9.99 26.54
CA SER A 152 0.67 10.62 27.83
C SER A 152 -0.45 11.65 27.98
N LYS A 153 -0.75 12.01 29.22
CA LYS A 153 -1.88 12.88 29.51
C LYS A 153 -1.40 14.29 29.88
N PRO A 154 -2.11 15.33 29.42
CA PRO A 154 -3.37 15.32 28.67
C PRO A 154 -3.20 14.91 27.20
N ALA A 155 -3.95 13.88 26.79
CA ALA A 155 -3.83 13.29 25.45
C ALA A 155 -4.03 14.31 24.33
N SER A 156 -4.84 15.33 24.60
CA SER A 156 -5.02 16.46 23.69
C SER A 156 -3.70 17.08 23.21
N GLU A 157 -2.70 17.10 24.10
CA GLU A 157 -1.40 17.69 23.77
C GLU A 157 -0.44 16.66 23.15
N PHE A 158 -0.63 15.38 23.45
CA PHE A 158 0.29 14.32 23.02
C PHE A 158 -0.18 13.49 21.82
N VAL A 159 -1.40 13.72 21.35
CA VAL A 159 -1.92 13.04 20.16
C VAL A 159 -1.99 14.00 18.97
N LYS A 160 -1.45 13.56 17.84
CA LYS A 160 -1.44 14.35 16.62
C LYS A 160 -1.86 13.43 15.48
N ILE A 161 -2.61 13.95 14.51
CA ILE A 161 -3.07 13.16 13.39
C ILE A 161 -2.48 13.67 12.08
N LEU A 162 -1.58 12.89 11.48
CA LEU A 162 -0.98 13.25 10.19
C LEU A 162 -2.01 13.29 9.07
N ASP A 163 -1.98 14.37 8.29
CA ASP A 163 -2.83 14.55 7.13
C ASP A 163 -2.10 13.99 5.90
N THR A 164 -2.56 12.85 5.41
CA THR A 164 -1.95 12.19 4.26
C THR A 164 -2.70 12.46 2.94
N GLY A 165 -3.63 13.42 2.97
CA GLY A 165 -4.28 13.92 1.76
C GLY A 165 -5.54 13.18 1.34
N GLU A 166 -6.19 12.51 2.29
CA GLU A 166 -7.36 11.68 1.99
C GLU A 166 -8.60 12.07 2.80
N LYS A 167 -8.63 13.29 3.34
CA LYS A 167 -9.75 13.72 4.19
C LYS A 167 -11.08 13.81 3.41
N LEU A 168 -11.02 14.26 2.16
CA LEU A 168 -12.22 14.34 1.32
C LEU A 168 -12.80 12.95 1.01
N LYS A 169 -11.95 11.93 0.87
CA LYS A 169 -12.42 10.55 0.68
C LYS A 169 -13.17 10.04 1.91
N ASP A 170 -12.66 10.38 3.10
CA ASP A 170 -13.32 10.03 4.36
C ASP A 170 -14.69 10.73 4.48
N LEU A 171 -14.77 11.96 3.98
CA LEU A 171 -16.03 12.73 4.00
C LEU A 171 -17.07 12.12 3.05
N PHE A 172 -16.68 11.86 1.80
CA PHE A 172 -17.60 11.26 0.82
C PHE A 172 -18.15 9.96 1.38
N THR A 173 -17.26 9.10 1.88
CA THR A 173 -17.65 7.82 2.46
C THR A 173 -18.72 7.98 3.53
N GLU A 174 -18.48 8.87 4.49
CA GLU A 174 -19.40 9.11 5.60
C GLU A 174 -20.73 9.68 5.11
N LEU A 175 -20.67 10.70 4.24
CA LEU A 175 -21.88 11.32 3.72
C LEU A 175 -22.70 10.34 2.90
N GLN A 176 -22.03 9.56 2.05
CA GLN A 176 -22.72 8.53 1.26
C GLN A 176 -23.54 7.61 2.15
N LYS A 177 -23.05 7.33 3.37
CA LYS A 177 -23.72 6.43 4.31
C LYS A 177 -24.92 7.06 5.03
N LYS A 178 -24.84 8.36 5.33
CA LYS A 178 -25.89 9.03 6.11
C LYS A 178 -26.95 9.67 5.22
N ILE A 179 -26.50 10.26 4.11
CA ILE A 179 -27.38 10.89 3.13
C ILE A 179 -28.00 9.83 2.23
N TYR A 180 -27.19 8.82 1.92
CA TYR A 180 -27.45 7.78 0.91
C TYR A 180 -26.98 8.31 -0.44
N GLU B 1 -1.49 -28.26 13.46
CA GLU B 1 -2.56 -28.16 12.42
C GLU B 1 -3.99 -28.48 12.90
N PRO B 2 -4.18 -28.79 14.21
CA PRO B 2 -5.53 -29.19 14.61
C PRO B 2 -6.54 -28.04 14.53
N PHE B 3 -6.15 -26.84 14.97
CA PHE B 3 -7.00 -25.66 14.80
C PHE B 3 -6.44 -24.72 13.73
N TRP B 4 -7.34 -24.07 13.00
CA TRP B 4 -6.97 -23.26 11.86
C TRP B 4 -7.90 -22.07 11.67
N ALA B 5 -7.43 -21.12 10.85
CA ALA B 5 -8.27 -20.07 10.31
C ALA B 5 -8.27 -20.24 8.79
N ASP B 6 -9.32 -19.76 8.15
CA ASP B 6 -9.41 -19.82 6.70
C ASP B 6 -10.12 -18.58 6.19
N LEU B 7 -9.62 -18.05 5.08
CA LEU B 7 -10.17 -16.86 4.46
C LEU B 7 -10.68 -17.27 3.10
N GLN B 8 -11.94 -16.96 2.81
CA GLN B 8 -12.55 -17.30 1.55
C GLN B 8 -13.26 -16.08 0.96
N PRO B 9 -13.08 -15.83 -0.35
CA PRO B 9 -12.18 -16.56 -1.26
C PRO B 9 -10.71 -16.20 -0.94
N ARG B 10 -9.81 -17.17 -1.08
CA ARG B 10 -8.41 -16.93 -0.72
C ARG B 10 -7.70 -16.12 -1.80
N VAL B 11 -8.12 -16.29 -3.05
CA VAL B 11 -7.63 -15.44 -4.15
C VAL B 11 -8.80 -14.86 -4.93
N ALA B 12 -8.83 -13.54 -5.12
CA ALA B 12 -9.91 -12.87 -5.84
C ALA B 12 -9.39 -11.83 -6.83
N PHE B 13 -10.13 -11.65 -7.92
CA PHE B 13 -9.81 -10.68 -8.93
C PHE B 13 -10.96 -9.70 -8.96
N VAL B 14 -10.68 -8.41 -8.76
CA VAL B 14 -11.72 -7.37 -8.69
C VAL B 14 -11.42 -6.25 -9.67
N GLU B 15 -12.45 -5.67 -10.29
CA GLU B 15 -12.23 -4.51 -11.16
C GLU B 15 -11.80 -3.32 -10.33
N ARG B 16 -10.83 -2.56 -10.82
CA ARG B 16 -10.26 -1.49 -10.02
C ARG B 16 -11.37 -0.55 -9.57
N GLY B 17 -11.43 -0.27 -8.27
CA GLY B 17 -12.51 0.54 -7.70
C GLY B 17 -13.69 -0.26 -7.16
N GLY B 18 -13.67 -1.58 -7.38
CA GLY B 18 -14.77 -2.44 -6.99
C GLY B 18 -14.71 -2.88 -5.55
N SER B 19 -15.58 -3.84 -5.21
CA SER B 19 -15.70 -4.30 -3.85
C SER B 19 -15.72 -5.82 -3.82
N LEU B 20 -15.58 -6.39 -2.62
CA LEU B 20 -15.52 -7.82 -2.44
C LEU B 20 -15.91 -8.20 -1.01
N TRP B 21 -16.75 -9.22 -0.87
CA TRP B 21 -16.98 -9.87 0.42
C TRP B 21 -15.93 -10.94 0.71
N LEU B 22 -15.34 -10.89 1.89
CA LEU B 22 -14.44 -11.95 2.34
C LEU B 22 -15.04 -12.53 3.60
N ASN B 23 -14.85 -13.84 3.80
CA ASN B 23 -15.34 -14.55 4.98
C ASN B 23 -14.16 -15.21 5.67
N CYS B 24 -13.86 -14.77 6.89
CA CYS B 24 -12.76 -15.29 7.68
C CYS B 24 -13.36 -16.26 8.75
N SER B 25 -12.92 -17.51 8.79
CA SER B 25 -13.48 -18.49 9.72
C SER B 25 -12.44 -19.36 10.43
N THR B 26 -12.88 -20.04 11.49
CA THR B 26 -12.02 -20.94 12.28
C THR B 26 -12.80 -22.11 12.84
N ASN B 27 -12.09 -23.19 13.17
CA ASN B 27 -12.69 -24.30 13.92
C ASN B 27 -12.27 -24.26 15.38
N CYS B 28 -11.62 -23.17 15.80
CA CYS B 28 -11.32 -22.97 17.20
C CYS B 28 -12.61 -23.10 18.00
N PRO B 29 -12.63 -23.94 19.06
CA PRO B 29 -13.85 -24.11 19.86
C PRO B 29 -14.41 -22.80 20.44
N ARG B 30 -13.54 -22.03 21.10
CA ARG B 30 -13.91 -20.74 21.68
C ARG B 30 -12.90 -19.64 21.33
N PRO B 31 -13.03 -19.06 20.12
CA PRO B 31 -12.06 -18.02 19.74
C PRO B 31 -12.25 -16.76 20.58
N GLU B 32 -11.14 -16.15 20.97
CA GLU B 32 -11.12 -15.08 21.98
C GLU B 32 -11.18 -13.69 21.35
N ARG B 33 -10.71 -13.60 20.11
CA ARG B 33 -10.41 -12.33 19.44
C ARG B 33 -10.36 -12.73 17.97
N GLY B 34 -10.98 -11.97 17.08
CA GLY B 34 -10.99 -12.30 15.65
C GLY B 34 -10.96 -11.04 14.81
N GLY B 35 -10.41 -11.12 13.59
CA GLY B 35 -10.33 -9.94 12.77
C GLY B 35 -9.75 -10.14 11.40
N LEU B 36 -9.72 -9.07 10.62
CA LEU B 36 -9.22 -9.05 9.26
C LEU B 36 -8.38 -7.79 9.08
N GLU B 37 -7.06 -7.96 8.96
CA GLU B 37 -6.13 -6.85 8.82
C GLU B 37 -5.91 -6.60 7.32
N THR B 38 -6.42 -5.45 6.85
CA THR B 38 -6.20 -5.00 5.48
C THR B 38 -6.22 -3.48 5.42
N SER B 39 -5.55 -2.91 4.42
CA SER B 39 -5.55 -1.45 4.22
C SER B 39 -6.82 -1.02 3.52
N LEU B 40 -7.55 -1.97 2.93
CA LEU B 40 -8.78 -1.66 2.24
C LEU B 40 -9.86 -1.16 3.20
N ARG B 41 -10.62 -0.19 2.70
CA ARG B 41 -11.78 0.33 3.38
C ARG B 41 -12.84 -0.77 3.48
N ARG B 42 -13.54 -0.83 4.59
CA ARG B 42 -14.64 -1.78 4.78
C ARG B 42 -15.97 -1.05 4.77
N ASN B 43 -17.03 -1.78 4.43
CA ASN B 43 -18.34 -1.19 4.25
C ASN B 43 -19.48 -2.12 4.65
N GLY B 44 -19.21 -2.99 5.61
CA GLY B 44 -20.18 -4.01 5.97
C GLY B 44 -19.46 -5.10 6.71
N THR B 45 -20.02 -5.51 7.84
CA THR B 45 -19.53 -6.63 8.63
C THR B 45 -20.68 -7.51 9.08
N GLN B 46 -20.41 -8.81 9.11
CA GLN B 46 -21.27 -9.80 9.72
C GLN B 46 -20.38 -10.72 10.53
N ARG B 47 -20.91 -11.26 11.63
CA ARG B 47 -20.13 -12.11 12.50
C ARG B 47 -20.97 -13.25 13.03
N GLY B 48 -20.31 -14.40 13.23
CA GLY B 48 -20.86 -15.50 14.00
C GLY B 48 -19.78 -15.93 14.97
N LEU B 49 -20.04 -16.98 15.74
CA LEU B 49 -19.13 -17.39 16.80
C LEU B 49 -17.72 -17.66 16.25
N ARG B 50 -17.66 -18.33 15.10
CA ARG B 50 -16.38 -18.70 14.52
C ARG B 50 -16.15 -18.12 13.13
N TRP B 51 -16.84 -17.04 12.79
CA TRP B 51 -16.59 -16.37 11.51
C TRP B 51 -16.83 -14.87 11.53
N LEU B 52 -16.17 -14.19 10.59
CA LEU B 52 -16.26 -12.76 10.39
C LEU B 52 -16.27 -12.54 8.89
N ALA B 53 -17.32 -11.90 8.39
CA ALA B 53 -17.40 -11.54 6.98
C ALA B 53 -17.38 -10.02 6.88
N ARG B 54 -16.55 -9.51 5.97
CA ARG B 54 -16.37 -8.08 5.76
C ARG B 54 -16.47 -7.77 4.28
N GLN B 55 -17.20 -6.71 3.92
CA GLN B 55 -17.15 -6.18 2.57
C GLN B 55 -16.07 -5.09 2.48
N LEU B 56 -15.13 -5.28 1.57
CA LEU B 56 -14.05 -4.32 1.35
C LEU B 56 -14.39 -3.59 0.08
N VAL B 57 -14.14 -2.29 0.06
CA VAL B 57 -14.63 -1.44 -1.01
C VAL B 57 -13.52 -0.53 -1.54
N ASP B 58 -13.78 0.05 -2.71
CA ASP B 58 -12.88 0.99 -3.35
C ASP B 58 -11.49 0.38 -3.50
N ILE B 59 -11.44 -0.84 -4.01
CA ILE B 59 -10.23 -1.62 -4.08
C ILE B 59 -9.41 -1.18 -5.30
N ARG B 60 -8.28 -0.52 -5.05
CA ARG B 60 -7.55 0.15 -6.13
C ARG B 60 -6.11 -0.30 -6.37
N GLU B 61 -5.48 -0.94 -5.38
CA GLU B 61 -4.09 -1.38 -5.52
C GLU B 61 -4.01 -2.57 -6.48
N PRO B 62 -2.92 -2.66 -7.25
CA PRO B 62 -2.72 -3.83 -8.09
C PRO B 62 -2.88 -5.14 -7.30
N GLU B 63 -2.28 -5.19 -6.11
CA GLU B 63 -2.33 -6.38 -5.29
C GLU B 63 -2.42 -6.01 -3.82
N THR B 64 -3.25 -6.75 -3.09
CA THR B 64 -3.23 -6.66 -1.62
C THR B 64 -3.56 -8.00 -1.00
N GLN B 65 -3.00 -8.25 0.18
CA GLN B 65 -3.14 -9.54 0.84
C GLN B 65 -3.68 -9.38 2.24
N PRO B 66 -5.01 -9.44 2.38
CA PRO B 66 -5.61 -9.33 3.71
C PRO B 66 -5.19 -10.47 4.63
N VAL B 67 -5.00 -10.16 5.92
CA VAL B 67 -4.66 -11.19 6.90
C VAL B 67 -5.84 -11.44 7.84
N CYS B 68 -6.43 -12.61 7.73
CA CYS B 68 -7.49 -13.04 8.62
C CYS B 68 -6.86 -13.69 9.86
N PHE B 69 -7.39 -13.42 11.04
CA PHE B 69 -6.86 -14.03 12.26
C PHE B 69 -7.92 -14.30 13.30
N PHE B 70 -7.71 -15.36 14.08
CA PHE B 70 -8.41 -15.59 15.35
C PHE B 70 -7.40 -16.01 16.42
N ARG B 71 -7.56 -15.50 17.62
CA ARG B 71 -6.77 -15.94 18.76
C ARG B 71 -7.44 -17.19 19.33
N CYS B 72 -6.67 -18.26 19.49
CA CYS B 72 -7.22 -19.53 19.97
C CYS B 72 -6.34 -20.04 21.09
N ALA B 73 -6.85 -19.96 22.32
CA ALA B 73 -6.05 -20.22 23.50
C ALA B 73 -4.81 -19.32 23.43
N ARG B 74 -3.61 -19.91 23.42
CA ARG B 74 -2.39 -19.13 23.41
C ARG B 74 -1.84 -18.82 22.01
N ARG B 75 -2.55 -19.23 20.95
CA ARG B 75 -2.08 -19.12 19.57
C ARG B 75 -2.95 -18.18 18.78
N THR B 76 -2.34 -17.48 17.83
CA THR B 76 -3.05 -16.74 16.80
C THR B 76 -3.07 -17.60 15.57
N LEU B 77 -4.27 -17.91 15.11
CA LEU B 77 -4.47 -18.71 13.92
C LEU B 77 -4.71 -17.72 12.82
N GLN B 78 -4.04 -17.85 11.69
CA GLN B 78 -4.27 -16.88 10.63
C GLN B 78 -4.32 -17.51 9.26
N ALA B 79 -4.95 -16.77 8.34
CA ALA B 79 -4.98 -17.12 6.93
C ALA B 79 -4.86 -15.83 6.10
N ARG B 80 -4.19 -15.91 4.97
CA ARG B 80 -3.78 -14.74 4.20
C ARG B 80 -4.42 -14.90 2.83
N GLY B 81 -5.01 -13.83 2.29
CA GLY B 81 -5.63 -13.87 0.97
C GLY B 81 -4.84 -13.05 -0.04
N LEU B 82 -5.34 -13.04 -1.26
CA LEU B 82 -4.78 -12.19 -2.32
C LEU B 82 -5.93 -11.57 -3.09
N ILE B 83 -5.98 -10.24 -3.11
CA ILE B 83 -6.93 -9.53 -3.96
C ILE B 83 -6.13 -8.80 -5.04
N ARG B 84 -6.36 -9.20 -6.28
CA ARG B 84 -5.78 -8.54 -7.44
C ARG B 84 -6.83 -7.65 -8.09
N THR B 85 -6.42 -6.50 -8.63
CA THR B 85 -7.33 -5.65 -9.40
C THR B 85 -6.98 -5.69 -10.86
N PHE B 86 -7.99 -5.48 -11.71
CA PHE B 86 -7.73 -5.21 -13.12
C PHE B 86 -8.30 -3.87 -13.49
N GLN B 87 -7.73 -3.29 -14.55
CA GLN B 87 -8.12 -1.99 -15.06
C GLN B 87 -8.24 -2.13 -16.58
N ARG B 88 -9.45 -1.90 -17.11
CA ARG B 88 -9.70 -1.92 -18.55
C ARG B 88 -8.83 -0.89 -19.26
N PRO B 89 -8.58 -1.09 -20.57
CA PRO B 89 -7.93 -0.08 -21.41
C PRO B 89 -8.87 1.08 -21.80
N ASP B 90 -9.23 1.90 -20.83
CA ASP B 90 -10.09 3.05 -21.07
C ASP B 90 -9.37 4.15 -21.85
N ARG B 91 -8.04 4.16 -21.79
CA ARG B 91 -7.23 5.13 -22.52
C ARG B 91 -6.24 4.40 -23.42
N VAL B 92 -6.43 4.54 -24.73
CA VAL B 92 -5.50 4.03 -25.73
C VAL B 92 -5.17 5.19 -26.64
N GLU B 93 -3.91 5.60 -26.64
CA GLU B 93 -3.50 6.83 -27.28
C GLU B 93 -2.31 6.59 -28.19
N LEU B 94 -2.48 6.93 -29.46
CA LEU B 94 -1.38 6.93 -30.42
C LEU B 94 -0.78 8.34 -30.44
N MET B 95 0.53 8.44 -30.26
CA MET B 95 1.19 9.75 -30.27
C MET B 95 1.04 10.41 -31.64
N PRO B 96 1.01 11.76 -31.68
CA PRO B 96 0.84 12.44 -32.95
C PRO B 96 1.91 12.08 -33.98
N LEU B 97 1.53 12.03 -35.24
CA LEU B 97 2.45 11.78 -36.34
C LEU B 97 3.01 13.12 -36.81
N PRO B 98 4.12 13.11 -37.57
CA PRO B 98 4.60 14.37 -38.08
C PRO B 98 3.57 14.99 -39.03
N PRO B 99 3.42 16.33 -39.00
CA PRO B 99 2.51 16.99 -39.92
C PRO B 99 2.69 16.52 -41.37
N TRP B 100 3.95 16.49 -41.81
CA TRP B 100 4.32 15.92 -43.09
C TRP B 100 5.55 15.04 -42.93
N GLN B 101 5.50 13.83 -43.48
CA GLN B 101 6.57 12.86 -43.35
C GLN B 101 7.25 12.62 -44.71
N PRO B 102 8.58 12.84 -44.80
CA PRO B 102 9.30 12.50 -46.02
C PRO B 102 9.21 11.02 -46.41
N VAL B 103 8.90 10.75 -47.69
CA VAL B 103 8.88 9.38 -48.18
C VAL B 103 10.30 8.83 -48.09
N GLY B 104 10.43 7.56 -47.72
CA GLY B 104 11.75 6.92 -47.60
C GLY B 104 12.50 7.17 -46.30
N GLU B 105 11.93 7.98 -45.41
CA GLU B 105 12.48 8.16 -44.07
C GLU B 105 11.58 7.47 -43.04
N ASN B 106 12.17 7.17 -41.89
CA ASN B 106 11.44 6.55 -40.80
C ASN B 106 10.69 7.58 -39.97
N PHE B 107 9.60 7.14 -39.36
CA PHE B 107 8.94 7.88 -38.29
C PHE B 107 8.57 6.90 -37.17
N THR B 108 8.20 7.45 -36.02
CA THR B 108 7.88 6.65 -34.85
C THR B 108 6.39 6.59 -34.62
N LEU B 109 5.87 5.38 -34.45
CA LEU B 109 4.54 5.15 -33.93
C LEU B 109 4.68 4.76 -32.48
N SER B 110 4.00 5.45 -31.58
CA SER B 110 3.97 5.05 -30.17
C SER B 110 2.54 5.01 -29.67
N CYS B 111 2.15 3.83 -29.19
CA CYS B 111 0.86 3.59 -28.56
C CYS B 111 1.08 3.59 -27.06
N ARG B 112 0.36 4.44 -26.34
CA ARG B 112 0.41 4.45 -24.88
C ARG B 112 -0.95 4.05 -24.31
N VAL B 113 -0.90 3.15 -23.32
CA VAL B 113 -2.10 2.59 -22.71
C VAL B 113 -1.95 2.66 -21.18
N PRO B 114 -2.14 3.86 -20.60
CA PRO B 114 -1.84 4.03 -19.17
C PRO B 114 -2.79 3.29 -18.24
N GLY B 115 -2.22 2.70 -17.19
CA GLY B 115 -3.00 2.16 -16.09
C GLY B 115 -3.62 0.80 -16.28
N ALA B 116 -3.82 0.38 -17.53
CA ALA B 116 -4.52 -0.87 -17.81
C ALA B 116 -3.68 -2.05 -17.38
N GLY B 117 -4.34 -3.14 -17.01
CA GLY B 117 -3.59 -4.32 -16.59
C GLY B 117 -4.41 -5.29 -15.77
N PRO B 118 -3.75 -6.35 -15.24
CA PRO B 118 -2.28 -6.58 -15.20
C PRO B 118 -1.56 -6.52 -16.54
N ARG B 119 -0.35 -5.95 -16.54
CA ARG B 119 0.40 -5.75 -17.79
C ARG B 119 0.65 -7.06 -18.53
N ALA B 120 0.97 -8.13 -17.80
CA ALA B 120 1.17 -9.46 -18.41
C ALA B 120 -0.02 -9.98 -19.25
N SER B 121 -1.21 -9.45 -19.01
CA SER B 121 -2.42 -9.84 -19.75
C SER B 121 -2.75 -8.94 -20.93
N LEU B 122 -1.91 -7.92 -21.17
CA LEU B 122 -2.11 -6.97 -22.26
C LEU B 122 -1.40 -7.38 -23.53
N THR B 123 -2.07 -7.16 -24.65
CA THR B 123 -1.46 -7.22 -25.98
C THR B 123 -1.77 -5.93 -26.69
N LEU B 124 -0.72 -5.26 -27.18
CA LEU B 124 -0.86 -4.01 -27.96
C LEU B 124 -0.49 -4.27 -29.40
N THR B 125 -1.24 -3.64 -30.31
CA THR B 125 -1.04 -3.81 -31.75
C THR B 125 -1.04 -2.44 -32.40
N LEU B 126 -0.11 -2.25 -33.32
CA LEU B 126 -0.10 -1.05 -34.15
C LEU B 126 -0.62 -1.41 -35.52
N LEU B 127 -1.56 -0.62 -36.03
CA LEU B 127 -2.22 -0.90 -37.30
C LEU B 127 -2.04 0.25 -38.32
N ARG B 128 -1.93 -0.14 -39.58
CA ARG B 128 -2.10 0.79 -40.70
C ARG B 128 -3.33 0.29 -41.46
N GLY B 129 -4.39 1.08 -41.49
CA GLY B 129 -5.68 0.57 -41.94
C GLY B 129 -6.08 -0.61 -41.07
N ALA B 130 -6.54 -1.70 -41.69
CA ALA B 130 -6.88 -2.91 -40.94
C ALA B 130 -5.70 -3.87 -40.83
N GLN B 131 -4.54 -3.48 -41.37
CA GLN B 131 -3.35 -4.33 -41.35
C GLN B 131 -2.58 -4.14 -40.06
N GLU B 132 -2.30 -5.25 -39.37
CA GLU B 132 -1.51 -5.23 -38.15
C GLU B 132 -0.03 -5.18 -38.50
N LEU B 133 0.64 -4.11 -38.09
CA LEU B 133 2.05 -3.91 -38.41
C LEU B 133 2.94 -4.57 -37.36
N ILE B 134 2.60 -4.38 -36.09
CA ILE B 134 3.37 -4.91 -34.97
C ILE B 134 2.40 -5.31 -33.88
N ARG B 135 2.60 -6.49 -33.33
CA ARG B 135 1.77 -7.02 -32.26
C ARG B 135 2.71 -7.45 -31.15
N ARG B 136 2.45 -6.99 -29.94
CA ARG B 136 3.30 -7.32 -28.81
C ARG B 136 2.49 -7.71 -27.59
N SER B 137 2.64 -8.98 -27.19
CA SER B 137 2.14 -9.46 -25.92
C SER B 137 3.15 -9.08 -24.84
N PHE B 138 2.66 -8.69 -23.67
CA PHE B 138 3.52 -8.37 -22.53
C PHE B 138 3.60 -9.51 -21.52
N ALA B 139 3.24 -10.72 -21.96
CA ALA B 139 3.41 -11.93 -21.16
C ALA B 139 4.78 -11.93 -20.48
N GLY B 140 4.81 -12.27 -19.20
CA GLY B 140 6.06 -12.35 -18.46
C GLY B 140 6.46 -11.09 -17.70
N GLU B 141 5.68 -10.01 -17.82
CA GLU B 141 5.90 -8.83 -16.99
C GLU B 141 5.50 -9.16 -15.54
N PRO B 142 5.99 -8.37 -14.57
CA PRO B 142 5.67 -8.66 -13.17
C PRO B 142 4.17 -8.55 -12.91
N PRO B 143 3.62 -9.39 -12.01
CA PRO B 143 2.18 -9.44 -11.75
C PRO B 143 1.54 -8.11 -11.34
N ARG B 144 2.28 -7.25 -10.66
CA ARG B 144 1.76 -5.95 -10.19
C ARG B 144 1.95 -4.80 -11.18
N ALA B 145 2.57 -5.07 -12.33
CA ALA B 145 2.88 -4.03 -13.32
C ALA B 145 1.60 -3.62 -14.03
N ARG B 146 1.44 -2.31 -14.26
CA ARG B 146 0.26 -1.77 -14.93
C ARG B 146 0.68 -0.81 -16.03
N GLY B 147 -0.15 -0.69 -17.06
CA GLY B 147 0.13 0.22 -18.17
C GLY B 147 1.07 -0.42 -19.18
N ALA B 148 1.08 0.11 -20.39
CA ALA B 148 2.00 -0.40 -21.40
C ALA B 148 2.23 0.64 -22.49
N VAL B 149 3.39 0.53 -23.13
CA VAL B 149 3.74 1.36 -24.28
C VAL B 149 4.29 0.44 -25.35
N LEU B 150 3.93 0.70 -26.60
CA LEU B 150 4.48 -0.03 -27.75
C LEU B 150 4.92 1.00 -28.79
N THR B 151 6.22 1.04 -29.06
CA THR B 151 6.80 1.99 -30.00
C THR B 151 7.48 1.22 -31.12
N ALA B 152 7.33 1.72 -32.34
CA ALA B 152 7.92 1.07 -33.50
C ALA B 152 8.34 2.11 -34.51
N THR B 153 9.41 1.82 -35.25
CA THR B 153 9.87 2.65 -36.34
C THR B 153 9.25 2.14 -37.62
N VAL B 154 8.75 3.04 -38.45
CA VAL B 154 8.05 2.67 -39.68
C VAL B 154 8.57 3.51 -40.83
N LEU B 155 8.92 2.85 -41.93
CA LEU B 155 9.43 3.52 -43.11
C LEU B 155 8.27 4.10 -43.92
N ALA B 156 8.30 5.40 -44.18
CA ALA B 156 7.23 6.08 -44.91
C ALA B 156 7.30 5.72 -46.40
N ARG B 157 6.14 5.37 -46.97
CA ARG B 157 6.02 5.09 -48.41
C ARG B 157 5.05 6.06 -49.07
N ARG B 158 5.17 6.21 -50.40
CA ARG B 158 4.21 6.99 -51.21
C ARG B 158 2.78 6.49 -50.98
N GLU B 159 2.64 5.17 -50.98
CA GLU B 159 1.37 4.49 -50.76
C GLU B 159 0.68 4.89 -49.45
N ASP B 160 1.47 5.24 -48.44
CA ASP B 160 0.95 5.53 -47.11
C ASP B 160 0.38 6.94 -46.96
N HIS B 161 0.43 7.73 -48.03
CA HIS B 161 -0.19 9.04 -47.99
C HIS B 161 -1.68 8.89 -47.74
N GLY B 162 -2.18 9.52 -46.68
CA GLY B 162 -3.60 9.47 -46.35
C GLY B 162 -4.05 8.22 -45.62
N ALA B 163 -3.12 7.29 -45.35
CA ALA B 163 -3.43 6.06 -44.61
C ALA B 163 -3.60 6.39 -43.14
N ASN B 164 -4.49 5.64 -42.48
CA ASN B 164 -4.79 5.83 -41.06
C ASN B 164 -4.05 4.84 -40.20
N PHE B 165 -3.28 5.36 -39.26
CA PHE B 165 -2.62 4.54 -38.26
C PHE B 165 -3.36 4.62 -36.94
N SER B 166 -3.39 3.50 -36.25
CA SER B 166 -4.10 3.42 -34.99
C SER B 166 -3.45 2.33 -34.18
N CYS B 167 -3.87 2.19 -32.95
CA CYS B 167 -3.42 1.07 -32.17
C CYS B 167 -4.55 0.51 -31.35
N ARG B 168 -4.36 -0.73 -30.90
CA ARG B 168 -5.37 -1.44 -30.16
C ARG B 168 -4.76 -2.04 -28.92
N ALA B 169 -5.48 -1.97 -27.81
CA ALA B 169 -5.06 -2.60 -26.57
C ALA B 169 -6.06 -3.71 -26.25
N GLU B 170 -5.57 -4.89 -25.87
CA GLU B 170 -6.44 -5.97 -25.42
C GLU B 170 -5.98 -6.43 -24.05
N LEU B 171 -6.91 -6.45 -23.09
CA LEU B 171 -6.68 -7.03 -21.78
C LEU B 171 -7.46 -8.33 -21.78
N ASP B 172 -6.73 -9.44 -21.85
CA ASP B 172 -7.31 -10.77 -21.91
C ASP B 172 -7.33 -11.43 -20.54
N LEU B 173 -8.46 -11.30 -19.86
CA LEU B 173 -8.63 -11.92 -18.55
C LEU B 173 -9.45 -13.20 -18.64
N ARG B 174 -9.55 -13.77 -19.82
CA ARG B 174 -10.36 -14.97 -20.00
C ARG B 174 -9.78 -16.19 -19.31
N PRO B 175 -8.44 -16.31 -19.23
CA PRO B 175 -7.90 -17.41 -18.38
C PRO B 175 -8.42 -17.39 -16.95
N HIS B 176 -8.83 -16.20 -16.46
CA HIS B 176 -9.35 -16.04 -15.10
C HIS B 176 -10.85 -15.93 -15.07
N GLY B 177 -11.50 -16.21 -16.19
CA GLY B 177 -12.95 -16.20 -16.26
C GLY B 177 -13.58 -14.83 -16.32
N LEU B 178 -12.80 -13.79 -16.62
CA LEU B 178 -13.27 -12.40 -16.52
C LEU B 178 -13.46 -11.68 -17.86
N GLY B 179 -13.22 -12.32 -19.00
CA GLY B 179 -13.43 -11.65 -20.29
C GLY B 179 -12.26 -10.92 -20.95
N LEU B 180 -12.47 -10.55 -22.21
CA LEU B 180 -11.48 -9.85 -23.03
C LEU B 180 -11.93 -8.40 -23.19
N PHE B 181 -11.11 -7.44 -22.74
CA PHE B 181 -11.48 -6.04 -22.80
C PHE B 181 -10.59 -5.35 -23.82
N GLU B 182 -11.18 -4.79 -24.87
CA GLU B 182 -10.43 -4.14 -25.95
C GLU B 182 -10.80 -2.68 -26.11
N ASN B 183 -9.86 -1.92 -26.65
CA ASN B 183 -10.12 -0.56 -27.07
C ASN B 183 -9.05 -0.15 -28.09
N SER B 184 -9.41 0.77 -28.96
CA SER B 184 -8.53 1.25 -30.01
C SER B 184 -8.41 2.77 -29.92
N SER B 185 -7.28 3.31 -30.37
CA SER B 185 -7.10 4.75 -30.44
C SER B 185 -7.93 5.30 -31.56
N ALA B 186 -8.18 6.61 -31.53
CA ALA B 186 -8.66 7.33 -32.70
C ALA B 186 -7.57 7.24 -33.78
N PRO B 187 -7.98 7.13 -35.06
CA PRO B 187 -6.99 7.03 -36.13
C PRO B 187 -6.21 8.32 -36.32
N ARG B 188 -4.97 8.19 -36.81
CA ARG B 188 -4.14 9.33 -37.21
C ARG B 188 -3.72 9.18 -38.66
N GLU B 189 -3.96 10.21 -39.45
CA GLU B 189 -3.64 10.18 -40.88
C GLU B 189 -2.18 10.57 -41.13
N LEU B 190 -1.49 9.75 -41.92
CA LEU B 190 -0.14 10.07 -42.35
C LEU B 190 -0.23 10.89 -43.63
N ARG B 191 0.62 11.92 -43.71
CA ARG B 191 0.77 12.72 -44.91
C ARG B 191 2.22 12.63 -45.32
N THR B 192 2.47 12.08 -46.50
CA THR B 192 3.82 11.90 -47.01
C THR B 192 4.05 12.68 -48.30
N PHE B 193 5.32 12.97 -48.56
CA PHE B 193 5.76 13.73 -49.73
C PHE B 193 7.21 13.37 -49.99
N SER B 194 7.69 13.63 -51.20
CA SER B 194 9.08 13.39 -51.50
C SER B 194 9.89 14.68 -51.37
N LEU B 195 10.96 14.61 -50.56
CA LEU B 195 11.93 15.70 -50.42
C LEU B 195 12.68 15.95 -51.73
N SER B 196 12.86 14.89 -52.53
CA SER B 196 13.78 14.88 -53.69
C SER B 196 14.97 15.83 -53.52
C1 NAG C . -18.90 -17.57 6.63
C2 NAG C . -20.43 -17.48 6.49
C3 NAG C . -21.12 -18.37 7.51
C4 NAG C . -20.60 -19.77 7.28
C5 NAG C . -19.15 -19.78 7.70
C6 NAG C . -18.54 -21.18 7.63
C7 NAG C . -21.30 -15.39 5.54
C8 NAG C . -21.80 -14.00 5.80
N2 NAG C . -20.96 -16.14 6.60
O3 NAG C . -22.51 -18.30 7.29
O4 NAG C . -21.48 -20.81 7.72
O5 NAG C . -18.46 -18.92 6.80
O6 NAG C . -17.91 -21.44 6.41
O7 NAG C . -21.22 -15.80 4.39
C1 NAG C . -21.64 -21.20 9.10
C2 NAG C . -22.74 -22.26 8.96
C3 NAG C . -22.86 -23.28 10.10
C4 NAG C . -21.53 -23.56 10.81
C5 NAG C . -20.73 -22.28 10.98
C6 NAG C . -19.37 -22.55 11.63
C7 NAG C . -24.64 -21.58 7.56
C8 NAG C . -25.93 -20.81 7.52
N2 NAG C . -24.04 -21.63 8.74
O3 NAG C . -23.40 -24.49 9.58
O4 NAG C . -21.80 -24.14 12.08
O5 NAG C . -20.49 -21.74 9.71
O6 NAG C . -18.67 -21.34 11.73
O7 NAG C . -24.22 -22.12 6.54
MG MG D . -2.72 -2.58 11.28
C1 NAG E . -21.85 0.02 1.37
C2 NAG E . -21.94 -0.55 -0.05
C3 NAG E . -23.34 -0.38 -0.62
C4 NAG E . -24.40 -0.86 0.37
C5 NAG E . -24.17 -0.29 1.77
C6 NAG E . -25.15 -0.91 2.77
C7 NAG E . -20.45 -0.51 -2.01
C8 NAG E . -19.34 0.20 -2.73
N2 NAG E . -20.95 0.09 -0.93
O3 NAG E . -23.46 -1.14 -1.81
O4 NAG E . -25.68 -0.49 -0.10
O5 NAG E . -22.84 -0.56 2.18
O6 NAG E . -24.70 -0.73 4.08
O7 NAG E . -20.85 -1.59 -2.44
C1 NAG F . 14.79 3.03 -40.65
C2 NAG F . 16.16 3.13 -41.34
C3 NAG F . 16.90 1.81 -41.48
C4 NAG F . 16.78 0.94 -40.23
C5 NAG F . 15.31 0.85 -39.80
C6 NAG F . 15.17 0.02 -38.53
C7 NAG F . 16.33 5.07 -42.88
C8 NAG F . 15.88 5.60 -44.21
N2 NAG F . 16.04 3.78 -42.66
O3 NAG F . 18.27 2.08 -41.75
O4 NAG F . 17.32 -0.35 -40.47
O5 NAG F . 14.78 2.13 -39.56
O6 NAG F . 15.86 0.65 -37.47
O7 NAG F . 16.90 5.81 -42.08
C1 NAG G . -8.76 7.11 -43.23
C2 NAG G . -9.26 6.65 -44.61
C3 NAG G . -10.36 7.55 -45.20
C4 NAG G . -11.37 7.96 -44.15
C5 NAG G . -10.66 8.58 -42.96
C6 NAG G . -11.68 9.04 -41.91
C7 NAG G . -8.04 5.52 -46.41
C8 NAG G . -9.12 5.35 -47.45
N2 NAG G . -8.17 6.55 -45.56
O3 NAG G . -11.03 6.86 -46.23
O4 NAG G . -12.28 8.90 -44.70
O5 NAG G . -9.81 7.59 -42.41
O6 NAG G . -11.25 8.75 -40.60
O7 NAG G . -7.10 4.74 -46.38
C1 NAG H . -13.10 1.74 -23.98
C2 NAG H . -13.56 0.99 -22.73
C3 NAG H . -14.69 1.72 -22.00
C4 NAG H . -14.29 3.16 -21.73
C5 NAG H . -13.89 3.85 -23.05
C6 NAG H . -13.35 5.24 -22.73
C7 NAG H . -13.21 -1.47 -22.64
C8 NAG H . -13.83 -2.82 -22.88
N2 NAG H . -13.92 -0.39 -23.03
O3 NAG H . -14.93 1.07 -20.76
O4 NAG H . -15.34 3.88 -21.08
O5 NAG H . -12.88 3.12 -23.71
O6 NAG H . -12.80 5.83 -23.89
O7 NAG H . -12.10 -1.41 -22.12
C1 GOL I . -7.16 -20.99 -3.90
O1 GOL I . -7.61 -21.33 -2.60
C2 GOL I . -5.65 -21.24 -4.02
O2 GOL I . -5.00 -20.93 -2.81
C3 GOL I . -5.06 -20.38 -5.13
O3 GOL I . -3.67 -20.29 -4.97
C1 GOL J . 7.23 -1.71 -20.25
O1 GOL J . 7.27 -2.80 -21.16
C2 GOL J . 5.99 -0.85 -20.47
O2 GOL J . 5.59 -0.91 -21.81
C3 GOL J . 6.28 0.61 -20.08
O3 GOL J . 5.12 1.23 -19.58
#